data_7SWP
#
_entry.id   7SWP
#
loop_
_entity.id
_entity.type
_entity.pdbx_description
1 polymer 'Spike protein S1'
2 polymer 'G32Q4 Fab heavy chain'
3 polymer 'G32Q4 Fab light chain'
#
loop_
_entity_poly.entity_id
_entity_poly.type
_entity_poly.pdbx_seq_one_letter_code
_entity_poly.pdbx_strand_id
1 'polypeptide(L)'
;NLCPFGEVFNATRFASVYAWNRKRISNCVADYSVLYNSASFSTFKCYGVSPTKLNDLCFTNVYADSFVIRGDEVRQIAPG
QTGKIADYNYKLPDDFTGCVIAWNSNNLDSKVGGNYNYLYRLFRKSNLKPFERDISTEIYQAGSTPCNGVEGFNCYFPLQ
SYGFQPTNGVGYQPYRVVVLSFELLHAPATVCGPK
;
A
2 'polypeptide(L)'
;QVQLVESGGGVVQPGRSLRLSCAASGFTFSRYAMQWVRQAPGKGLEWVAVISYDGNNRYYADSVKGRFTISRDNSKNTLY
LQMNSLRAEDTAVYYCARGPPGYYDSSGYYQTPEYFQHWGQGTLVTVSSASTKGPSVFPLAPSSKSTSGGTAALGCLVKD
YFPEPVTVSWNSGALTSGVHTFPAVLQSSGLYSLSSVVTVPSSSLGTQTYICNVNHKPSNTKVDKRVEPKSCDK
;
H
3 'polypeptide(L)'
;QSVLTQPPSVSGAPGQRVTISCTGSSSNIGVGYDVHWYQQFPGTVPKLLIYGNSNRPSGVPDRFSGSKSGTSASLAITGL
QAEDEADYYCQSYDSSLSGVVFGGGTKLTVLGQPKAAPSVTLFPPSSEELQANKATLVCLISDFYPGAVTVAWKADSSPV
KAGVETTTPSKQSNNKYAASSYLSLTPEQWKSHRSYSCQVTHEGSTVEKTVAPTECS
;
L
#
# COMPACT_ATOMS: atom_id res chain seq x y z
N ASN A 1 -28.36 22.62 6.38
CA ASN A 1 -28.04 22.33 4.99
C ASN A 1 -26.64 21.78 4.88
N LEU A 2 -25.79 22.15 5.83
CA LEU A 2 -24.41 21.69 5.81
C LEU A 2 -24.34 20.20 6.11
N CYS A 3 -23.38 19.53 5.47
CA CYS A 3 -23.20 18.10 5.68
C CYS A 3 -22.48 17.82 6.98
N PRO A 4 -23.06 17.08 7.89
CA PRO A 4 -22.42 16.79 9.17
C PRO A 4 -21.27 15.80 9.11
N PHE A 5 -20.33 16.03 8.20
CA PHE A 5 -19.07 15.31 8.28
C PHE A 5 -18.35 15.67 9.57
N GLY A 6 -18.26 16.96 9.85
CA GLY A 6 -17.59 17.40 11.07
C GLY A 6 -18.17 16.75 12.29
N GLU A 7 -19.45 16.41 12.25
CA GLU A 7 -19.99 15.53 13.28
C GLU A 7 -19.18 14.25 13.38
N VAL A 8 -19.03 13.55 12.25
CA VAL A 8 -18.39 12.23 12.28
C VAL A 8 -16.94 12.37 12.73
N PHE A 9 -16.22 13.33 12.15
CA PHE A 9 -14.82 13.51 12.51
C PHE A 9 -14.69 13.95 13.96
N ASN A 10 -15.40 15.00 14.34
CA ASN A 10 -15.36 15.50 15.71
C ASN A 10 -16.29 14.72 16.63
N ALA A 11 -16.73 13.54 16.21
CA ALA A 11 -17.60 12.73 17.06
C ALA A 11 -16.87 12.30 18.32
N THR A 12 -17.60 12.31 19.43
CA THR A 12 -17.01 11.92 20.70
C THR A 12 -16.55 10.47 20.67
N ARG A 13 -17.38 9.58 20.13
CA ARG A 13 -17.14 8.15 20.18
C ARG A 13 -16.99 7.61 18.77
N PHE A 14 -16.06 6.67 18.60
CA PHE A 14 -15.89 5.95 17.35
C PHE A 14 -15.96 4.46 17.62
N ALA A 15 -16.22 3.70 16.56
CA ALA A 15 -16.39 2.27 16.69
C ALA A 15 -15.12 1.53 16.33
N SER A 16 -15.08 0.25 16.70
CA SER A 16 -14.00 -0.62 16.27
C SER A 16 -14.14 -0.91 14.79
N VAL A 17 -13.05 -1.39 14.20
CA VAL A 17 -13.04 -1.61 12.76
C VAL A 17 -14.03 -2.69 12.36
N TYR A 18 -14.06 -3.80 13.10
CA TYR A 18 -14.98 -4.88 12.74
C TYR A 18 -16.41 -4.38 12.78
N ALA A 19 -16.72 -3.51 13.74
CA ALA A 19 -18.03 -2.88 13.82
C ALA A 19 -17.99 -1.50 13.20
N TRP A 20 -17.25 -1.34 12.12
CA TRP A 20 -17.09 -0.03 11.51
C TRP A 20 -18.44 0.58 11.22
N ASN A 21 -18.62 1.82 11.64
CA ASN A 21 -19.93 2.44 11.48
C ASN A 21 -20.05 3.08 10.11
N ARG A 22 -21.27 3.13 9.62
CA ARG A 22 -21.56 3.69 8.31
C ARG A 22 -22.56 4.81 8.47
N LYS A 23 -22.40 5.86 7.68
CA LYS A 23 -23.34 6.97 7.65
C LYS A 23 -23.80 7.18 6.22
N ARG A 24 -25.11 7.10 6.01
CA ARG A 24 -25.74 7.34 4.71
C ARG A 24 -26.04 8.83 4.55
N ILE A 25 -25.01 9.64 4.78
CA ILE A 25 -25.17 11.09 4.73
C ILE A 25 -25.56 11.51 3.32
N SER A 26 -26.46 12.48 3.23
CA SER A 26 -27.02 12.87 1.94
C SER A 26 -27.77 14.19 2.10
N ASN A 27 -28.34 14.66 1.00
CA ASN A 27 -29.21 15.84 0.94
C ASN A 27 -28.65 16.99 1.78
N CYS A 28 -27.35 17.20 1.67
CA CYS A 28 -26.70 18.31 2.36
C CYS A 28 -25.56 18.82 1.51
N VAL A 29 -25.12 20.03 1.80
CA VAL A 29 -24.00 20.64 1.09
C VAL A 29 -22.72 20.21 1.76
N ALA A 30 -21.73 19.84 0.95
CA ALA A 30 -20.44 19.38 1.45
C ALA A 30 -19.39 20.48 1.34
N ASP A 31 -18.48 20.49 2.30
CA ASP A 31 -17.48 21.53 2.47
C ASP A 31 -16.10 20.92 2.60
N TYR A 32 -15.76 20.05 1.65
CA TYR A 32 -14.49 19.36 1.66
C TYR A 32 -13.32 20.33 1.78
N SER A 33 -13.53 21.59 1.41
CA SER A 33 -12.57 22.64 1.70
C SER A 33 -12.20 22.63 3.16
N VAL A 34 -13.19 22.48 4.04
CA VAL A 34 -12.90 22.34 5.45
C VAL A 34 -12.03 21.12 5.68
N LEU A 35 -12.22 20.08 4.87
CA LEU A 35 -11.50 18.83 5.12
C LEU A 35 -10.02 18.97 4.79
N TYR A 36 -9.72 19.24 3.52
CA TYR A 36 -8.32 19.20 3.13
C TYR A 36 -7.53 20.39 3.66
N ASN A 37 -8.19 21.39 4.22
CA ASN A 37 -7.47 22.46 4.87
C ASN A 37 -7.14 22.15 6.32
N SER A 38 -7.49 20.97 6.81
CA SER A 38 -7.16 20.60 8.17
C SER A 38 -5.66 20.52 8.37
N ALA A 39 -5.18 21.16 9.42
CA ALA A 39 -3.84 20.86 9.90
C ALA A 39 -3.80 19.54 10.64
N SER A 40 -4.93 19.09 11.15
CA SER A 40 -4.95 17.88 11.95
C SER A 40 -4.57 16.67 11.11
N PHE A 41 -5.14 16.56 9.91
CA PHE A 41 -5.09 15.31 9.17
C PHE A 41 -3.68 15.05 8.70
N SER A 42 -2.97 14.19 9.43
CA SER A 42 -1.62 13.83 9.02
C SER A 42 -1.64 13.12 7.67
N THR A 43 -2.55 12.19 7.49
CA THR A 43 -2.68 11.47 6.23
C THR A 43 -3.94 11.92 5.53
N PHE A 44 -3.88 11.98 4.20
CA PHE A 44 -5.04 12.36 3.40
C PHE A 44 -4.91 11.64 2.06
N LYS A 45 -5.52 10.48 1.94
CA LYS A 45 -5.50 9.71 0.72
C LYS A 45 -6.76 10.07 -0.06
N CYS A 46 -6.66 10.15 -1.38
CA CYS A 46 -7.84 10.26 -2.21
C CYS A 46 -7.59 9.54 -3.52
N TYR A 47 -8.56 8.72 -3.92
CA TYR A 47 -8.43 7.89 -5.11
C TYR A 47 -9.58 8.16 -6.03
N GLY A 48 -9.26 8.38 -7.30
CA GLY A 48 -10.26 8.60 -8.32
C GLY A 48 -10.63 10.05 -8.54
N VAL A 49 -10.18 10.96 -7.69
CA VAL A 49 -10.55 12.36 -7.85
C VAL A 49 -9.64 13.21 -6.96
N SER A 50 -9.25 14.36 -7.48
CA SER A 50 -8.52 15.31 -6.66
C SER A 50 -9.41 15.88 -5.57
N PRO A 51 -8.93 15.90 -4.33
CA PRO A 51 -9.67 16.59 -3.27
C PRO A 51 -10.05 17.99 -3.66
N THR A 52 -9.31 18.60 -4.59
CA THR A 52 -9.75 19.88 -5.12
C THR A 52 -11.10 19.76 -5.82
N LYS A 53 -11.29 18.73 -6.64
CA LYS A 53 -12.47 18.72 -7.49
C LYS A 53 -13.75 18.37 -6.74
N LEU A 54 -13.67 17.61 -5.65
CA LEU A 54 -14.90 17.31 -4.92
C LEU A 54 -15.67 18.57 -4.57
N ASN A 55 -14.95 19.64 -4.23
CA ASN A 55 -15.64 20.86 -3.84
C ASN A 55 -16.57 21.35 -4.94
N ASP A 56 -16.26 21.07 -6.20
CA ASP A 56 -17.06 21.55 -7.31
C ASP A 56 -17.45 20.47 -8.31
N LEU A 57 -17.14 19.21 -8.04
CA LEU A 57 -17.71 18.09 -8.78
C LEU A 57 -18.48 17.24 -7.79
N CYS A 58 -19.76 17.01 -8.07
CA CYS A 58 -20.68 16.57 -7.03
C CYS A 58 -21.44 15.31 -7.46
N PHE A 59 -21.89 14.58 -6.44
CA PHE A 59 -22.09 13.14 -6.51
C PHE A 59 -23.53 12.74 -6.30
N THR A 60 -23.88 11.58 -6.87
CA THR A 60 -25.18 11.00 -6.65
C THR A 60 -25.38 10.64 -5.19
N ASN A 61 -24.44 9.93 -4.60
CA ASN A 61 -24.58 9.50 -3.23
C ASN A 61 -23.22 9.26 -2.62
N VAL A 62 -23.16 9.33 -1.28
CA VAL A 62 -21.91 9.24 -0.54
C VAL A 62 -22.13 8.41 0.71
N TYR A 63 -21.10 7.68 1.11
CA TYR A 63 -21.11 6.96 2.37
C TYR A 63 -19.91 7.39 3.19
N ALA A 64 -20.11 7.59 4.47
CA ALA A 64 -19.04 7.95 5.38
C ALA A 64 -18.91 6.84 6.41
N ASP A 65 -17.90 6.00 6.24
CA ASP A 65 -17.63 4.96 7.21
C ASP A 65 -16.58 5.48 8.17
N SER A 66 -16.53 4.90 9.35
CA SER A 66 -15.57 5.36 10.34
C SER A 66 -15.24 4.22 11.29
N PHE A 67 -14.03 4.28 11.83
CA PHE A 67 -13.54 3.27 12.75
C PHE A 67 -12.19 3.72 13.29
N VAL A 68 -11.57 2.84 14.07
CA VAL A 68 -10.35 3.17 14.80
C VAL A 68 -9.36 2.04 14.66
N ILE A 69 -8.14 2.35 14.22
CA ILE A 69 -7.09 1.35 14.08
C ILE A 69 -5.76 1.96 14.44
N ARG A 70 -4.77 1.10 14.70
CA ARG A 70 -3.44 1.61 15.01
C ARG A 70 -2.89 2.33 13.80
N GLY A 71 -2.00 3.29 14.07
CA GLY A 71 -1.75 4.33 13.10
C GLY A 71 -1.18 3.85 11.78
N ASP A 72 -0.15 3.02 11.84
CA ASP A 72 0.70 2.86 10.66
C ASP A 72 -0.05 2.21 9.50
N GLU A 73 -0.96 1.28 9.76
CA GLU A 73 -1.60 0.66 8.61
C GLU A 73 -2.66 1.53 8.00
N VAL A 74 -2.73 2.79 8.41
CA VAL A 74 -3.70 3.69 7.83
C VAL A 74 -3.68 3.59 6.31
N ARG A 75 -2.54 3.24 5.72
CA ARG A 75 -2.51 3.08 4.28
C ARG A 75 -2.80 1.64 3.87
N GLN A 76 -3.05 0.74 4.82
CA GLN A 76 -3.70 -0.50 4.43
C GLN A 76 -5.10 -0.25 3.92
N ILE A 77 -5.78 0.73 4.49
CA ILE A 77 -7.13 1.04 4.06
C ILE A 77 -7.00 1.83 2.77
N ALA A 78 -6.96 1.12 1.66
CA ALA A 78 -6.66 1.75 0.38
C ALA A 78 -7.32 0.91 -0.71
N PRO A 79 -7.32 1.38 -1.94
CA PRO A 79 -7.89 0.58 -3.02
C PRO A 79 -7.09 -0.69 -3.26
N GLY A 80 -7.72 -1.83 -2.98
CA GLY A 80 -7.21 -3.10 -3.42
C GLY A 80 -5.86 -3.49 -2.85
N GLN A 81 -5.80 -3.70 -1.55
CA GLN A 81 -4.63 -4.32 -0.93
C GLN A 81 -5.11 -5.55 -0.19
N THR A 82 -4.19 -6.45 0.06
CA THR A 82 -4.47 -7.58 0.92
C THR A 82 -3.69 -7.38 2.20
N GLY A 83 -4.23 -7.96 3.27
CA GLY A 83 -3.63 -7.79 4.56
C GLY A 83 -4.67 -8.02 5.64
N LYS A 84 -4.23 -7.84 6.87
CA LYS A 84 -5.04 -8.14 8.03
C LYS A 84 -6.40 -7.46 7.94
N ILE A 85 -6.39 -6.14 8.04
CA ILE A 85 -7.63 -5.38 8.05
C ILE A 85 -8.31 -5.45 6.69
N ALA A 86 -7.53 -5.41 5.62
CA ALA A 86 -8.12 -5.48 4.29
C ALA A 86 -8.87 -6.78 4.08
N ASP A 87 -8.27 -7.89 4.51
CA ASP A 87 -8.91 -9.18 4.30
C ASP A 87 -10.09 -9.40 5.23
N TYR A 88 -9.93 -9.16 6.52
CA TYR A 88 -10.93 -9.61 7.46
C TYR A 88 -11.69 -8.50 8.17
N ASN A 89 -11.42 -7.28 7.89
CA ASN A 89 -12.24 -6.34 8.63
C ASN A 89 -12.85 -5.27 7.74
N TYR A 90 -12.14 -4.84 6.70
CA TYR A 90 -12.63 -3.75 5.87
C TYR A 90 -11.82 -3.76 4.59
N LYS A 91 -12.50 -3.83 3.46
CA LYS A 91 -11.86 -4.03 2.16
C LYS A 91 -12.41 -3.03 1.16
N LEU A 92 -11.64 -2.17 0.75
CA LEU A 92 -12.21 -1.34 -0.28
C LEU A 92 -12.22 -2.08 -1.61
N PRO A 93 -13.23 -1.86 -2.45
CA PRO A 93 -13.28 -2.54 -3.74
C PRO A 93 -12.16 -2.07 -4.64
N ASP A 94 -11.70 -2.98 -5.50
CA ASP A 94 -10.63 -2.63 -6.43
C ASP A 94 -11.00 -1.40 -7.24
N ASP A 95 -12.26 -1.32 -7.66
CA ASP A 95 -12.75 -0.13 -8.34
C ASP A 95 -13.40 0.84 -7.36
N PHE A 96 -12.71 1.13 -6.26
CA PHE A 96 -13.21 2.10 -5.30
C PHE A 96 -12.84 3.51 -5.72
N THR A 97 -13.73 4.44 -5.43
CA THR A 97 -13.42 5.85 -5.60
C THR A 97 -13.81 6.55 -4.32
N GLY A 98 -12.93 7.39 -3.80
CA GLY A 98 -13.24 8.09 -2.57
C GLY A 98 -12.00 8.65 -1.93
N CYS A 99 -12.01 8.68 -0.61
CA CYS A 99 -10.89 9.22 0.14
C CYS A 99 -10.77 8.50 1.48
N VAL A 100 -9.58 8.60 2.06
CA VAL A 100 -9.27 8.01 3.36
C VAL A 100 -8.60 9.07 4.20
N ILE A 101 -9.18 9.39 5.34
CA ILE A 101 -8.63 10.40 6.24
C ILE A 101 -8.38 9.74 7.57
N ALA A 102 -7.36 10.22 8.28
CA ALA A 102 -7.10 9.73 9.62
C ALA A 102 -6.26 10.73 10.37
N TRP A 103 -6.19 10.54 11.68
CA TRP A 103 -5.32 11.35 12.52
C TRP A 103 -5.12 10.63 13.83
N ASN A 104 -3.98 10.94 14.45
CA ASN A 104 -3.70 10.42 15.78
C ASN A 104 -4.61 11.08 16.80
N SER A 105 -5.00 10.31 17.81
CA SER A 105 -5.81 10.84 18.89
C SER A 105 -5.34 10.26 20.22
N ASN A 106 -4.03 10.20 20.41
CA ASN A 106 -3.51 9.69 21.68
C ASN A 106 -4.13 10.42 22.84
N ASN A 107 -4.24 11.73 22.75
CA ASN A 107 -4.91 12.51 23.78
C ASN A 107 -6.34 12.05 24.04
N LEU A 108 -7.00 11.49 23.05
CA LEU A 108 -8.38 11.01 23.22
C LEU A 108 -8.43 9.60 23.77
N ASP A 109 -7.81 8.66 23.06
CA ASP A 109 -8.08 7.26 23.32
C ASP A 109 -7.01 6.57 24.15
N SER A 110 -5.77 7.00 24.06
CA SER A 110 -4.72 6.43 24.89
C SER A 110 -5.03 6.67 26.36
N LYS A 111 -4.82 5.67 27.19
CA LYS A 111 -5.01 5.78 28.62
C LYS A 111 -3.80 5.20 29.33
N VAL A 112 -3.37 5.88 30.38
CA VAL A 112 -2.24 5.41 31.17
C VAL A 112 -2.53 4.00 31.68
N GLY A 113 -1.49 3.17 31.72
CA GLY A 113 -1.64 1.82 32.22
C GLY A 113 -2.19 0.86 31.19
N GLY A 114 -3.50 0.91 30.96
CA GLY A 114 -4.08 -0.04 30.04
C GLY A 114 -5.40 0.36 29.41
N ASN A 115 -5.49 0.23 28.09
CA ASN A 115 -6.76 0.31 27.38
C ASN A 115 -6.83 -0.83 26.38
N TYR A 116 -8.03 -1.38 26.21
CA TYR A 116 -8.23 -2.51 25.32
C TYR A 116 -9.55 -2.41 24.59
N ASN A 117 -10.07 -1.19 24.39
CA ASN A 117 -11.45 -1.00 24.02
C ASN A 117 -11.64 -0.74 22.53
N TYR A 118 -10.87 -1.41 21.68
CA TYR A 118 -11.09 -1.40 20.25
C TYR A 118 -10.72 -2.76 19.69
N LEU A 119 -11.48 -3.24 18.71
CA LEU A 119 -11.38 -4.62 18.26
C LEU A 119 -11.17 -4.70 16.74
N TYR A 120 -10.53 -5.78 16.31
CA TYR A 120 -10.42 -6.11 14.90
C TYR A 120 -10.48 -7.62 14.74
N ARG A 121 -11.21 -8.05 13.71
CA ARG A 121 -11.38 -9.49 13.41
C ARG A 121 -9.98 -10.09 13.21
N LEU A 122 -9.66 -11.18 13.93
CA LEU A 122 -8.33 -11.74 13.79
C LEU A 122 -8.20 -12.68 12.61
N PHE A 123 -9.23 -13.46 12.33
CA PHE A 123 -9.19 -14.35 11.17
C PHE A 123 -10.58 -14.87 10.88
N ARG A 124 -10.85 -15.07 9.59
CA ARG A 124 -12.19 -15.33 9.13
C ARG A 124 -12.19 -16.52 8.19
N LYS A 125 -13.40 -17.02 7.90
CA LYS A 125 -13.53 -18.22 7.07
C LYS A 125 -13.07 -17.96 5.64
N SER A 126 -13.52 -16.86 5.05
CA SER A 126 -13.14 -16.52 3.69
C SER A 126 -12.89 -15.02 3.62
N ASN A 127 -12.36 -14.59 2.48
CA ASN A 127 -12.05 -13.18 2.31
C ASN A 127 -13.33 -12.36 2.36
N LEU A 128 -13.18 -11.11 2.77
CA LEU A 128 -14.32 -10.22 2.90
C LEU A 128 -14.45 -9.40 1.61
N LYS A 129 -15.63 -9.45 1.01
CA LYS A 129 -15.93 -8.60 -0.13
C LYS A 129 -15.95 -7.15 0.33
N PRO A 130 -16.02 -6.20 -0.60
CA PRO A 130 -16.13 -4.81 -0.20
C PRO A 130 -17.44 -4.54 0.53
N PHE A 131 -17.35 -3.76 1.61
CA PHE A 131 -18.52 -3.17 2.26
C PHE A 131 -19.49 -4.23 2.78
N GLU A 132 -19.06 -4.96 3.81
CA GLU A 132 -20.01 -5.67 4.64
C GLU A 132 -19.58 -5.62 6.09
N ARG A 133 -20.33 -4.87 6.88
CA ARG A 133 -20.11 -4.76 8.32
C ARG A 133 -20.54 -6.08 8.93
N ASP A 134 -19.68 -7.08 8.85
CA ASP A 134 -20.02 -8.42 9.31
C ASP A 134 -19.81 -8.53 10.82
N ILE A 135 -20.84 -8.17 11.58
CA ILE A 135 -20.72 -8.32 13.02
C ILE A 135 -20.96 -9.80 13.31
N SER A 136 -19.92 -10.59 13.20
CA SER A 136 -20.02 -12.03 13.41
C SER A 136 -19.10 -12.40 14.55
N THR A 137 -19.68 -12.98 15.59
CA THR A 137 -18.97 -13.19 16.83
C THR A 137 -18.84 -14.66 17.20
N GLU A 138 -19.29 -15.57 16.35
CA GLU A 138 -19.20 -16.98 16.68
C GLU A 138 -17.78 -17.49 16.45
N ILE A 139 -17.36 -18.44 17.28
CA ILE A 139 -15.96 -18.83 17.35
C ILE A 139 -15.55 -19.45 16.03
N TYR A 140 -14.59 -18.81 15.36
CA TYR A 140 -14.01 -19.31 14.12
C TYR A 140 -13.23 -20.60 14.33
N GLN A 141 -13.23 -21.44 13.31
CA GLN A 141 -12.56 -22.73 13.33
C GLN A 141 -11.72 -22.87 12.07
N ALA A 142 -10.76 -23.79 12.08
CA ALA A 142 -9.86 -23.95 10.95
C ALA A 142 -9.52 -25.42 10.66
N GLY A 143 -10.52 -26.30 10.63
CA GLY A 143 -10.23 -27.69 10.35
C GLY A 143 -11.42 -28.64 10.22
N SER A 144 -11.30 -29.82 10.81
CA SER A 144 -12.31 -30.86 10.72
C SER A 144 -13.14 -31.02 11.99
N THR A 145 -13.06 -30.09 12.93
CA THR A 145 -13.41 -30.36 14.32
C THR A 145 -14.77 -29.78 14.69
N PRO A 146 -15.55 -30.46 15.51
CA PRO A 146 -16.68 -29.79 16.13
C PRO A 146 -16.19 -28.66 17.00
N CYS A 147 -16.42 -27.41 16.59
CA CYS A 147 -16.00 -26.27 17.40
C CYS A 147 -16.54 -26.35 18.81
N ASN A 148 -17.79 -26.81 18.95
CA ASN A 148 -18.46 -26.91 20.24
C ASN A 148 -18.62 -25.55 20.90
N GLY A 149 -18.33 -24.46 20.18
CA GLY A 149 -18.44 -23.13 20.75
C GLY A 149 -17.48 -22.85 21.88
N VAL A 150 -16.55 -23.75 22.17
CA VAL A 150 -15.61 -23.63 23.27
C VAL A 150 -14.22 -23.53 22.68
N GLU A 151 -13.45 -22.56 23.16
CA GLU A 151 -12.07 -22.41 22.71
C GLU A 151 -11.27 -23.68 22.97
N GLY A 152 -10.18 -23.83 22.22
CA GLY A 152 -9.36 -25.01 22.39
C GLY A 152 -8.33 -25.24 21.31
N PHE A 153 -8.32 -26.45 20.77
CA PHE A 153 -7.34 -26.83 19.75
C PHE A 153 -7.27 -25.77 18.66
N ASN A 154 -8.35 -25.59 17.92
CA ASN A 154 -8.24 -24.78 16.71
C ASN A 154 -9.26 -23.66 16.69
N CYS A 155 -10.37 -23.82 17.40
CA CYS A 155 -11.50 -22.91 17.20
C CYS A 155 -11.30 -21.75 18.17
N TYR A 156 -11.15 -20.54 17.62
CA TYR A 156 -10.63 -19.39 18.34
C TYR A 156 -11.56 -18.20 18.23
N PHE A 157 -11.50 -17.33 19.22
CA PHE A 157 -12.25 -16.09 19.12
C PHE A 157 -11.79 -15.33 17.90
N PRO A 158 -12.70 -14.81 17.10
CA PRO A 158 -12.29 -14.15 15.85
C PRO A 158 -11.89 -12.71 16.02
N LEU A 159 -12.06 -12.13 17.20
CA LEU A 159 -11.78 -10.73 17.40
C LEU A 159 -10.66 -10.54 18.41
N GLN A 160 -9.90 -9.45 18.23
CA GLN A 160 -8.73 -9.15 19.02
C GLN A 160 -8.67 -7.67 19.33
N SER A 161 -8.42 -7.33 20.58
CA SER A 161 -8.42 -5.95 21.03
C SER A 161 -7.13 -5.25 20.65
N TYR A 162 -6.94 -4.05 21.18
CA TYR A 162 -5.75 -3.25 20.97
C TYR A 162 -4.96 -3.10 22.26
N GLY A 163 -3.89 -2.31 22.17
CA GLY A 163 -3.08 -1.99 23.32
C GLY A 163 -2.77 -0.51 23.44
N PHE A 164 -3.73 0.34 23.09
CA PHE A 164 -3.46 1.76 22.94
C PHE A 164 -3.06 2.36 24.28
N GLN A 165 -1.77 2.59 24.44
CA GLN A 165 -1.19 3.20 25.61
C GLN A 165 -0.35 4.40 25.18
N PRO A 166 -0.41 5.50 25.93
CA PRO A 166 0.38 6.68 25.55
C PRO A 166 1.85 6.38 25.48
N THR A 167 2.34 5.50 26.34
CA THR A 167 3.77 5.21 26.33
C THR A 167 4.19 4.36 25.15
N ASN A 168 3.36 4.26 24.11
CA ASN A 168 3.72 3.48 22.95
C ASN A 168 4.00 4.40 21.76
N GLY A 169 4.55 3.81 20.69
CA GLY A 169 5.10 4.58 19.59
C GLY A 169 4.09 4.92 18.49
N VAL A 170 4.51 5.89 17.67
CA VAL A 170 3.60 6.54 16.73
C VAL A 170 2.94 5.55 15.79
N GLY A 171 3.69 4.55 15.30
CA GLY A 171 3.08 3.58 14.41
C GLY A 171 1.95 2.82 15.05
N TYR A 172 2.00 2.68 16.37
CA TYR A 172 0.99 1.91 17.09
C TYR A 172 -0.06 2.78 17.76
N GLN A 173 0.06 4.10 17.67
CA GLN A 173 -0.91 4.96 18.31
C GLN A 173 -2.26 4.87 17.60
N PRO A 174 -3.36 5.01 18.34
CA PRO A 174 -4.67 4.87 17.71
C PRO A 174 -4.97 6.05 16.81
N TYR A 175 -5.21 5.75 15.53
CA TYR A 175 -5.65 6.71 14.55
C TYR A 175 -7.13 6.48 14.31
N ARG A 176 -7.90 7.55 14.33
CA ARG A 176 -9.32 7.47 14.01
C ARG A 176 -9.46 7.71 12.52
N VAL A 177 -9.95 6.71 11.79
CA VAL A 177 -9.96 6.73 10.34
C VAL A 177 -11.39 6.84 9.84
N VAL A 178 -11.60 7.77 8.92
CA VAL A 178 -12.86 7.95 8.23
C VAL A 178 -12.64 7.62 6.77
N VAL A 179 -13.53 6.83 6.20
CA VAL A 179 -13.49 6.46 4.80
C VAL A 179 -14.66 7.12 4.10
N LEU A 180 -14.36 7.93 3.09
CA LEU A 180 -15.40 8.54 2.28
C LEU A 180 -15.52 7.68 1.02
N SER A 181 -16.53 6.82 1.01
CA SER A 181 -16.85 6.06 -0.18
C SER A 181 -17.85 6.84 -1.02
N PHE A 182 -17.72 6.72 -2.33
CA PHE A 182 -18.55 7.46 -3.25
C PHE A 182 -19.28 6.51 -4.19
N GLU A 183 -20.47 6.90 -4.62
CA GLU A 183 -21.25 6.06 -5.50
C GLU A 183 -22.14 6.93 -6.38
N LEU A 184 -22.18 6.57 -7.66
CA LEU A 184 -23.03 7.20 -8.64
C LEU A 184 -24.00 6.16 -9.18
N LEU A 185 -25.20 6.61 -9.52
CA LEU A 185 -26.24 5.69 -9.92
C LEU A 185 -26.95 6.26 -11.14
N HIS A 186 -27.91 5.48 -11.64
CA HIS A 186 -28.84 5.93 -12.68
C HIS A 186 -29.99 6.68 -12.02
N ALA A 187 -29.63 7.63 -11.16
CA ALA A 187 -30.57 8.24 -10.22
C ALA A 187 -30.14 9.68 -9.95
N PRO A 188 -31.04 10.52 -9.45
CA PRO A 188 -30.65 11.89 -9.09
C PRO A 188 -29.64 11.91 -7.95
N ALA A 189 -28.92 13.03 -7.85
CA ALA A 189 -27.85 13.19 -6.88
C ALA A 189 -28.39 13.69 -5.55
N THR A 190 -27.48 13.84 -4.58
CA THR A 190 -27.87 14.29 -3.25
C THR A 190 -26.91 15.28 -2.60
N VAL A 191 -25.71 15.48 -3.13
CA VAL A 191 -24.72 16.37 -2.51
C VAL A 191 -24.06 17.19 -3.62
N CYS A 192 -23.88 18.49 -3.38
CA CYS A 192 -23.22 19.29 -4.41
C CYS A 192 -22.57 20.53 -3.79
N GLY A 193 -22.19 21.49 -4.66
CA GLY A 193 -21.17 22.47 -4.35
C GLY A 193 -21.57 23.94 -4.29
N PRO A 194 -20.69 24.74 -3.69
CA PRO A 194 -21.03 26.10 -3.26
C PRO A 194 -20.76 27.19 -4.29
N LYS A 195 -20.88 28.43 -3.82
CA LYS A 195 -20.97 29.69 -4.61
C LYS A 195 -21.47 29.43 -6.03
N GLN B 1 -8.08 -13.12 -9.63
CA GLN B 1 -6.73 -12.76 -9.22
C GLN B 1 -6.02 -12.07 -10.38
N VAL B 2 -5.05 -11.23 -10.09
CA VAL B 2 -4.43 -10.37 -11.09
C VAL B 2 -3.23 -11.06 -11.70
N GLN B 3 -3.07 -10.91 -13.01
CA GLN B 3 -1.96 -11.48 -13.75
C GLN B 3 -1.35 -10.40 -14.63
N LEU B 4 -0.04 -10.25 -14.54
CA LEU B 4 0.69 -9.30 -15.36
C LEU B 4 1.79 -10.06 -16.09
N VAL B 5 1.88 -9.86 -17.40
CA VAL B 5 2.88 -10.56 -18.20
C VAL B 5 3.56 -9.60 -19.16
N GLU B 6 4.88 -9.64 -19.20
CA GLU B 6 5.64 -8.79 -20.09
C GLU B 6 5.86 -9.47 -21.44
N SER B 7 6.29 -8.67 -22.41
CA SER B 7 6.48 -9.16 -23.77
C SER B 7 7.33 -8.17 -24.55
N GLY B 8 7.95 -8.67 -25.62
CA GLY B 8 8.75 -7.87 -26.51
C GLY B 8 10.25 -7.86 -26.23
N GLY B 9 10.70 -8.54 -25.18
CA GLY B 9 12.10 -8.51 -24.84
C GLY B 9 12.95 -9.24 -25.86
N GLY B 10 14.24 -8.99 -25.79
CA GLY B 10 15.17 -9.66 -26.68
C GLY B 10 16.56 -9.09 -26.55
N VAL B 11 17.42 -9.51 -27.48
CA VAL B 11 18.75 -8.95 -27.57
C VAL B 11 18.75 -7.84 -28.60
N VAL B 12 19.34 -6.71 -28.24
CA VAL B 12 19.29 -5.48 -29.03
C VAL B 12 20.69 -4.87 -29.04
N GLN B 13 21.06 -4.33 -30.18
CA GLN B 13 22.32 -3.62 -30.25
C GLN B 13 22.17 -2.25 -29.59
N PRO B 14 23.20 -1.76 -28.94
CA PRO B 14 23.12 -0.42 -28.34
C PRO B 14 22.83 0.63 -29.39
N GLY B 15 22.02 1.61 -29.01
CA GLY B 15 21.68 2.72 -29.88
C GLY B 15 20.30 2.78 -30.49
N ARG B 16 19.73 1.64 -30.83
CA ARG B 16 18.48 1.63 -31.55
C ARG B 16 17.27 1.60 -30.60
N SER B 17 16.09 1.84 -31.17
CA SER B 17 14.83 1.93 -30.45
C SER B 17 14.22 0.56 -30.24
N LEU B 18 13.30 0.47 -29.27
CA LEU B 18 12.65 -0.81 -29.01
C LEU B 18 11.31 -0.57 -28.34
N ARG B 19 10.44 -1.58 -28.38
CA ARG B 19 9.14 -1.50 -27.73
C ARG B 19 8.92 -2.75 -26.88
N LEU B 20 8.82 -2.55 -25.57
CA LEU B 20 8.40 -3.58 -24.64
C LEU B 20 6.94 -3.36 -24.27
N SER B 21 6.35 -4.35 -23.62
CA SER B 21 5.00 -4.17 -23.12
C SER B 21 4.71 -5.16 -22.01
N CYS B 22 3.52 -5.01 -21.43
CA CYS B 22 3.03 -5.87 -20.37
C CYS B 22 1.51 -5.80 -20.34
N ALA B 23 0.90 -6.97 -20.41
CA ALA B 23 -0.54 -7.13 -20.40
C ALA B 23 -1.03 -7.37 -18.98
N ALA B 24 -2.23 -6.87 -18.70
CA ALA B 24 -2.82 -6.87 -17.38
C ALA B 24 -4.11 -7.65 -17.37
N SER B 25 -4.40 -8.28 -16.24
CA SER B 25 -5.67 -8.97 -16.04
C SER B 25 -5.93 -9.08 -14.55
N GLY B 26 -7.19 -9.32 -14.20
CA GLY B 26 -7.56 -9.60 -12.82
C GLY B 26 -7.91 -8.40 -11.98
N PHE B 27 -7.83 -7.18 -12.51
CA PHE B 27 -8.18 -6.01 -11.72
C PHE B 27 -8.56 -4.88 -12.66
N THR B 28 -9.15 -3.84 -12.06
CA THR B 28 -9.56 -2.69 -12.85
C THR B 28 -8.33 -1.94 -13.29
N PHE B 29 -7.75 -2.39 -14.40
CA PHE B 29 -6.47 -1.85 -14.82
C PHE B 29 -6.55 -0.38 -15.18
N SER B 30 -7.68 0.05 -15.74
CA SER B 30 -7.75 1.42 -16.26
C SER B 30 -7.50 2.46 -15.19
N ARG B 31 -7.70 2.12 -13.92
CA ARG B 31 -7.68 3.12 -12.88
C ARG B 31 -6.56 2.90 -11.86
N TYR B 32 -5.45 2.31 -12.28
CA TYR B 32 -4.29 2.11 -11.42
C TYR B 32 -3.06 2.73 -12.06
N ALA B 33 -2.22 3.35 -11.25
CA ALA B 33 -0.92 3.77 -11.74
C ALA B 33 0.02 2.57 -11.81
N MET B 34 0.73 2.43 -12.92
CA MET B 34 1.63 1.31 -13.16
C MET B 34 3.08 1.74 -13.05
N GLN B 35 3.97 0.75 -12.99
CA GLN B 35 5.38 1.05 -12.90
C GLN B 35 6.20 0.06 -13.71
N TRP B 36 7.36 0.52 -14.15
CA TRP B 36 8.40 -0.32 -14.74
C TRP B 36 9.65 -0.21 -13.89
N VAL B 37 10.22 -1.36 -13.55
CA VAL B 37 11.40 -1.39 -12.70
C VAL B 37 12.48 -2.24 -13.36
N ARG B 38 13.72 -1.90 -13.04
CA ARG B 38 14.91 -2.50 -13.63
C ARG B 38 15.54 -3.45 -12.61
N GLN B 39 16.16 -4.51 -13.12
CA GLN B 39 17.03 -5.33 -12.28
C GLN B 39 18.18 -5.83 -13.16
N ALA B 40 19.34 -5.24 -12.97
CA ALA B 40 20.55 -5.80 -13.57
C ALA B 40 20.97 -7.04 -12.77
N PRO B 41 21.34 -8.13 -13.45
CA PRO B 41 21.64 -9.37 -12.73
C PRO B 41 22.74 -9.15 -11.71
N GLY B 42 22.57 -9.76 -10.54
CA GLY B 42 23.48 -9.57 -9.44
C GLY B 42 23.50 -8.19 -8.84
N LYS B 43 22.80 -7.23 -9.45
CA LYS B 43 22.78 -5.85 -8.97
C LYS B 43 21.42 -5.54 -8.38
N GLY B 44 21.38 -4.54 -7.50
CA GLY B 44 20.15 -4.12 -6.89
C GLY B 44 19.13 -3.68 -7.91
N LEU B 45 17.90 -4.14 -7.76
CA LEU B 45 16.84 -3.73 -8.68
C LEU B 45 16.39 -2.31 -8.36
N GLU B 46 16.17 -1.51 -9.41
CA GLU B 46 15.88 -0.11 -9.22
C GLU B 46 14.68 0.30 -10.05
N TRP B 47 13.99 1.31 -9.56
CA TRP B 47 12.82 1.83 -10.23
C TRP B 47 13.22 2.52 -11.52
N VAL B 48 12.42 2.32 -12.57
CA VAL B 48 12.64 2.95 -13.86
C VAL B 48 11.66 4.09 -14.09
N ALA B 49 10.38 3.77 -14.18
CA ALA B 49 9.40 4.78 -14.54
C ALA B 49 8.06 4.43 -13.92
N VAL B 50 7.22 5.44 -13.76
CA VAL B 50 5.90 5.26 -13.20
C VAL B 50 4.91 6.05 -14.02
N ILE B 51 3.75 5.46 -14.29
CA ILE B 51 2.71 6.05 -15.10
C ILE B 51 1.45 6.22 -14.28
N SER B 52 0.86 7.41 -14.34
CA SER B 52 -0.35 7.71 -13.60
C SER B 52 -1.49 6.82 -14.09
N TYR B 53 -2.55 6.74 -13.27
CA TYR B 53 -3.65 5.84 -13.58
C TYR B 53 -4.26 6.20 -14.92
N ASP B 54 -4.23 7.46 -15.28
CA ASP B 54 -4.79 7.92 -16.55
C ASP B 54 -3.73 8.17 -17.59
N GLY B 55 -2.47 7.93 -17.27
CA GLY B 55 -1.41 8.25 -18.20
C GLY B 55 -1.14 9.73 -18.35
N ASN B 56 -1.79 10.57 -17.56
CA ASN B 56 -1.51 12.00 -17.64
C ASN B 56 -0.18 12.33 -16.99
N ASN B 57 0.09 11.76 -15.83
CA ASN B 57 1.30 12.09 -15.08
C ASN B 57 2.33 11.00 -15.28
N ARG B 58 3.55 11.41 -15.62
CA ARG B 58 4.61 10.47 -15.91
C ARG B 58 5.85 10.89 -15.14
N TYR B 59 6.62 9.90 -14.71
CA TYR B 59 7.88 10.18 -14.03
C TYR B 59 8.91 9.14 -14.39
N TYR B 60 10.10 9.61 -14.74
CA TYR B 60 11.23 8.77 -15.09
C TYR B 60 12.32 8.99 -14.05
N ALA B 61 13.17 7.99 -13.88
CA ALA B 61 14.37 8.21 -13.08
C ALA B 61 15.32 9.12 -13.83
N ASP B 62 16.25 9.73 -13.09
CA ASP B 62 17.22 10.63 -13.70
C ASP B 62 18.08 9.88 -14.72
N SER B 63 18.58 8.70 -14.33
CA SER B 63 19.49 7.96 -15.20
C SER B 63 18.85 7.60 -16.53
N VAL B 64 17.51 7.57 -16.59
CA VAL B 64 16.79 7.23 -17.80
C VAL B 64 15.99 8.39 -18.34
N LYS B 65 16.29 9.60 -17.88
CA LYS B 65 15.49 10.76 -18.25
C LYS B 65 15.64 11.07 -19.74
N GLY B 66 14.51 11.36 -20.38
CA GLY B 66 14.51 11.79 -21.76
C GLY B 66 14.66 10.67 -22.77
N ARG B 67 15.57 9.74 -22.49
CA ARG B 67 15.86 8.69 -23.45
C ARG B 67 14.71 7.71 -23.58
N PHE B 68 13.80 7.72 -22.62
CA PHE B 68 12.79 6.68 -22.47
C PHE B 68 11.40 7.26 -22.68
N THR B 69 10.49 6.39 -23.14
CA THR B 69 9.10 6.79 -23.31
C THR B 69 8.20 5.76 -22.66
N ILE B 70 7.33 6.23 -21.78
CA ILE B 70 6.29 5.43 -21.15
C ILE B 70 4.98 5.71 -21.88
N SER B 71 4.14 4.68 -21.99
CA SER B 71 2.85 4.84 -22.63
C SER B 71 1.92 3.72 -22.18
N ARG B 72 0.62 3.96 -22.29
CA ARG B 72 -0.35 2.93 -21.84
C ARG B 72 -1.75 3.26 -22.37
N ASP B 73 -2.48 2.22 -22.76
CA ASP B 73 -3.83 2.37 -23.28
C ASP B 73 -4.80 1.72 -22.29
N ASN B 74 -5.68 2.54 -21.72
CA ASN B 74 -6.70 2.03 -20.82
C ASN B 74 -7.60 1.02 -21.54
N SER B 75 -8.07 1.39 -22.74
CA SER B 75 -8.91 0.49 -23.50
C SER B 75 -8.18 -0.79 -23.86
N LYS B 76 -6.93 -0.67 -24.31
CA LYS B 76 -6.17 -1.87 -24.63
C LYS B 76 -5.82 -2.68 -23.39
N ASN B 77 -5.87 -2.07 -22.21
CA ASN B 77 -5.58 -2.74 -20.95
C ASN B 77 -4.17 -3.35 -20.99
N THR B 78 -3.20 -2.47 -21.14
CA THR B 78 -1.80 -2.90 -21.17
C THR B 78 -0.90 -1.69 -20.97
N LEU B 79 0.39 -1.96 -20.96
CA LEU B 79 1.42 -0.97 -20.67
C LEU B 79 2.56 -1.16 -21.66
N TYR B 80 3.16 -0.07 -22.12
CA TYR B 80 4.18 -0.14 -23.16
C TYR B 80 5.43 0.58 -22.71
N LEU B 81 6.52 0.29 -23.42
CA LEU B 81 7.82 0.92 -23.25
C LEU B 81 8.44 1.19 -24.61
N GLN B 82 8.92 2.42 -24.79
CA GLN B 82 9.64 2.80 -25.99
C GLN B 82 11.06 3.20 -25.61
N MET B 83 12.02 2.66 -26.32
CA MET B 83 13.43 2.73 -26.00
C MET B 83 14.15 3.53 -27.08
N ASN B 84 14.83 4.59 -26.65
CA ASN B 84 15.68 5.38 -27.52
C ASN B 84 17.02 5.58 -26.83
N SER B 85 18.10 5.50 -27.62
CA SER B 85 19.47 5.67 -27.12
C SER B 85 19.78 4.67 -26.01
N LEU B 86 19.66 3.38 -26.36
CA LEU B 86 19.96 2.32 -25.42
C LEU B 86 21.44 2.30 -25.08
N ARG B 87 21.77 1.62 -23.98
CA ARG B 87 23.15 1.50 -23.54
C ARG B 87 23.37 0.11 -22.95
N ALA B 88 24.63 -0.32 -22.98
CA ALA B 88 24.97 -1.69 -22.61
C ALA B 88 24.62 -1.98 -21.16
N GLU B 89 24.90 -1.04 -20.26
CA GLU B 89 24.64 -1.26 -18.85
C GLU B 89 23.17 -1.49 -18.57
N ASP B 90 22.30 -1.06 -19.48
CA ASP B 90 20.86 -1.23 -19.30
C ASP B 90 20.39 -2.63 -19.66
N THR B 91 21.29 -3.50 -20.14
CA THR B 91 20.96 -4.91 -20.28
C THR B 91 20.52 -5.43 -18.93
N ALA B 92 19.25 -5.76 -18.79
CA ALA B 92 18.71 -6.15 -17.49
C ALA B 92 17.34 -6.77 -17.70
N VAL B 93 16.75 -7.23 -16.62
CA VAL B 93 15.38 -7.68 -16.64
C VAL B 93 14.48 -6.51 -16.27
N TYR B 94 13.33 -6.44 -16.94
CA TYR B 94 12.35 -5.38 -16.75
C TYR B 94 11.07 -6.00 -16.21
N TYR B 95 10.54 -5.41 -15.15
CA TYR B 95 9.29 -5.87 -14.54
C TYR B 95 8.24 -4.78 -14.64
N CYS B 96 7.07 -5.16 -15.13
CA CYS B 96 5.88 -4.33 -15.00
C CYS B 96 5.25 -4.65 -13.65
N ALA B 97 4.80 -3.62 -12.95
CA ALA B 97 4.32 -3.80 -11.59
C ALA B 97 3.13 -2.90 -11.30
N ARG B 98 2.25 -3.43 -10.44
CA ARG B 98 1.08 -2.73 -9.94
C ARG B 98 1.19 -2.62 -8.42
N GLY B 99 0.92 -1.43 -7.91
CA GLY B 99 0.80 -1.24 -6.50
C GLY B 99 -0.52 -0.57 -6.19
N PRO B 100 -0.65 -0.03 -4.99
CA PRO B 100 -1.82 0.78 -4.69
C PRO B 100 -1.89 1.95 -5.65
N PRO B 101 -3.10 2.33 -6.06
CA PRO B 101 -3.23 3.41 -7.04
C PRO B 101 -2.64 4.69 -6.52
N GLY B 102 -2.09 5.48 -7.43
CA GLY B 102 -1.55 6.76 -7.05
C GLY B 102 -2.64 7.65 -6.51
N TYR B 103 -2.62 7.86 -5.21
CA TYR B 103 -3.58 8.75 -4.59
C TYR B 103 -3.25 10.20 -4.93
N TYR B 104 -4.28 10.94 -5.30
CA TYR B 104 -4.14 12.39 -5.30
C TYR B 104 -3.92 12.83 -3.87
N ASP B 105 -3.14 13.88 -3.68
CA ASP B 105 -2.86 14.35 -2.34
C ASP B 105 -3.68 15.60 -2.04
N SER B 106 -3.74 15.94 -0.76
CA SER B 106 -4.32 17.20 -0.37
C SER B 106 -3.66 18.33 -1.14
N SER B 107 -4.40 19.43 -1.25
CA SER B 107 -4.02 20.56 -2.09
C SER B 107 -3.84 20.16 -3.56
N GLY B 108 -4.25 18.96 -3.93
CA GLY B 108 -4.45 18.61 -5.32
C GLY B 108 -3.27 17.96 -6.01
N TYR B 109 -2.07 18.08 -5.48
CA TYR B 109 -0.92 17.50 -6.15
C TYR B 109 -1.03 15.99 -6.20
N TYR B 110 -0.67 15.42 -7.33
CA TYR B 110 -0.62 13.97 -7.46
C TYR B 110 0.57 13.42 -6.69
N GLN B 111 0.48 12.15 -6.31
CA GLN B 111 1.62 11.44 -5.76
C GLN B 111 1.67 10.06 -6.37
N THR B 112 2.88 9.64 -6.74
CA THR B 112 3.05 8.34 -7.34
C THR B 112 2.87 7.25 -6.27
N PRO B 113 2.53 6.03 -6.69
CA PRO B 113 2.43 4.94 -5.72
C PRO B 113 3.76 4.73 -5.01
N GLU B 114 3.68 4.35 -3.75
CA GLU B 114 4.86 4.24 -2.92
C GLU B 114 5.43 2.85 -2.88
N TYR B 115 4.76 1.86 -3.46
CA TYR B 115 5.26 0.50 -3.41
C TYR B 115 4.46 -0.36 -4.39
N PHE B 116 4.99 -1.55 -4.68
CA PHE B 116 4.47 -2.39 -5.75
C PHE B 116 3.92 -3.68 -5.16
N GLN B 117 2.68 -4.01 -5.53
CA GLN B 117 2.04 -5.19 -4.98
C GLN B 117 2.34 -6.42 -5.81
N HIS B 118 1.92 -6.41 -7.06
CA HIS B 118 2.17 -7.53 -7.96
C HIS B 118 3.10 -7.10 -9.07
N TRP B 119 3.72 -8.10 -9.69
CA TRP B 119 4.72 -7.91 -10.70
C TRP B 119 4.35 -8.71 -11.93
N GLY B 120 4.76 -8.22 -13.09
CA GLY B 120 4.71 -9.04 -14.27
C GLY B 120 5.71 -10.17 -14.18
N GLN B 121 5.58 -11.13 -15.10
CA GLN B 121 6.51 -12.23 -15.09
C GLN B 121 7.94 -11.74 -15.35
N GLY B 122 8.07 -10.75 -16.20
CA GLY B 122 9.37 -10.17 -16.48
C GLY B 122 9.76 -10.36 -17.93
N THR B 123 10.57 -9.44 -18.42
CA THR B 123 11.10 -9.54 -19.77
C THR B 123 12.59 -9.23 -19.72
N LEU B 124 13.33 -9.74 -20.69
CA LEU B 124 14.77 -9.60 -20.73
C LEU B 124 15.17 -8.65 -21.84
N VAL B 125 16.12 -7.75 -21.54
CA VAL B 125 16.67 -6.85 -22.54
C VAL B 125 18.18 -7.01 -22.50
N THR B 126 18.77 -7.37 -23.63
CA THR B 126 20.21 -7.58 -23.72
C THR B 126 20.78 -6.54 -24.67
N VAL B 127 21.15 -5.38 -24.14
CA VAL B 127 21.63 -4.29 -24.98
C VAL B 127 23.08 -4.62 -25.30
N SER B 128 23.26 -5.39 -26.38
CA SER B 128 24.57 -5.89 -26.75
C SER B 128 24.73 -5.83 -28.26
N SER B 129 25.93 -5.46 -28.70
CA SER B 129 26.22 -5.31 -30.12
C SER B 129 26.40 -6.67 -30.79
N GLN C 1 18.63 11.42 0.35
CA GLN C 1 18.74 11.35 -1.09
C GLN C 1 19.44 10.07 -1.51
N SER C 2 20.30 9.57 -0.65
CA SER C 2 21.17 8.47 -1.01
C SER C 2 20.39 7.16 -1.06
N VAL C 3 21.02 6.15 -1.64
CA VAL C 3 20.46 4.81 -1.63
C VAL C 3 20.28 4.36 -0.19
N LEU C 4 19.17 3.67 0.09
CA LEU C 4 18.94 3.15 1.42
C LEU C 4 20.04 2.16 1.77
N THR C 5 20.89 2.54 2.71
CA THR C 5 22.03 1.70 3.07
C THR C 5 21.55 0.41 3.69
N GLN C 6 22.09 -0.70 3.21
CA GLN C 6 21.72 -2.01 3.69
C GLN C 6 22.97 -2.79 4.09
N PRO C 7 22.82 -3.76 4.98
CA PRO C 7 23.88 -4.74 5.15
C PRO C 7 23.94 -5.63 3.92
N PRO C 8 25.13 -6.14 3.59
CA PRO C 8 25.22 -7.07 2.47
C PRO C 8 24.45 -8.35 2.71
N SER C 9 24.58 -8.93 3.91
CA SER C 9 23.91 -10.17 4.25
C SER C 9 24.02 -10.38 5.75
N VAL C 10 23.10 -11.19 6.27
CA VAL C 10 23.08 -11.54 7.68
C VAL C 10 22.68 -13.00 7.83
N SER C 11 22.93 -13.54 9.01
CA SER C 11 22.68 -14.95 9.28
C SER C 11 21.97 -15.10 10.61
N GLY C 12 21.25 -16.21 10.74
CA GLY C 12 20.56 -16.52 11.98
C GLY C 12 20.19 -17.98 12.03
N ALA C 13 20.14 -18.52 13.25
CA ALA C 13 19.75 -19.90 13.42
C ALA C 13 18.31 -20.10 12.97
N PRO C 14 17.96 -21.25 12.43
CA PRO C 14 16.61 -21.45 11.91
C PRO C 14 15.57 -21.33 13.01
N GLY C 15 14.61 -20.42 12.81
CA GLY C 15 13.51 -20.26 13.72
C GLY C 15 13.72 -19.26 14.84
N GLN C 16 14.91 -18.69 14.95
CA GLN C 16 15.10 -17.65 15.96
C GLN C 16 14.84 -16.28 15.35
N ARG C 17 14.77 -15.29 16.22
CA ARG C 17 14.50 -13.93 15.79
C ARG C 17 15.78 -13.29 15.31
N VAL C 18 15.74 -12.69 14.12
CA VAL C 18 16.86 -11.92 13.59
C VAL C 18 16.32 -10.60 13.09
N THR C 19 17.23 -9.75 12.67
CA THR C 19 16.84 -8.42 12.22
C THR C 19 17.61 -8.02 11.00
N ILE C 20 17.00 -7.14 10.21
CA ILE C 20 17.66 -6.40 9.17
C ILE C 20 17.32 -4.93 9.38
N SER C 21 18.33 -4.08 9.32
CA SER C 21 18.10 -2.64 9.40
C SER C 21 18.14 -2.05 8.01
N CYS C 22 17.83 -0.76 7.94
CA CYS C 22 17.92 -0.02 6.69
C CYS C 22 17.90 1.46 7.06
N THR C 23 18.94 2.18 6.69
CA THR C 23 19.11 3.55 7.10
C THR C 23 18.96 4.48 5.90
N GLY C 24 18.59 5.71 6.17
CA GLY C 24 18.31 6.65 5.10
C GLY C 24 18.71 8.06 5.47
N SER C 25 18.50 8.97 4.53
CA SER C 25 18.79 10.37 4.77
C SER C 25 17.56 11.07 5.31
N SER C 26 17.75 12.32 5.69
CA SER C 26 16.63 13.14 6.12
C SER C 26 15.63 13.30 4.99
N SER C 27 16.11 13.54 3.78
CA SER C 27 15.22 13.61 2.62
C SER C 27 14.76 12.25 2.16
N ASN C 28 15.29 11.17 2.75
CA ASN C 28 14.98 9.82 2.32
C ASN C 28 13.86 9.19 3.13
N ILE C 29 14.07 9.06 4.45
CA ILE C 29 13.15 8.38 5.33
C ILE C 29 12.64 9.30 6.45
N GLY C 30 13.55 10.06 7.07
CA GLY C 30 13.17 10.89 8.19
C GLY C 30 12.24 12.03 7.84
N VAL C 31 12.12 12.36 6.55
CA VAL C 31 11.19 13.39 6.13
C VAL C 31 9.77 13.00 6.50
N GLY C 32 9.51 11.72 6.69
CA GLY C 32 8.20 11.26 7.04
C GLY C 32 7.73 10.16 6.11
N TYR C 33 8.38 10.06 4.95
CA TYR C 33 8.03 9.00 4.03
C TYR C 33 8.32 7.65 4.66
N ASP C 34 7.48 6.68 4.33
CA ASP C 34 7.54 5.37 4.94
C ASP C 34 8.38 4.41 4.11
N VAL C 35 8.62 3.23 4.66
CA VAL C 35 9.37 2.21 3.97
C VAL C 35 8.45 1.05 3.65
N HIS C 36 9.00 0.09 2.91
CA HIS C 36 8.34 -1.16 2.60
C HIS C 36 9.45 -2.14 2.33
N TRP C 37 9.25 -3.42 2.63
CA TRP C 37 10.31 -4.32 2.27
C TRP C 37 9.76 -5.41 1.36
N TYR C 38 10.54 -5.72 0.33
CA TYR C 38 10.25 -6.77 -0.63
C TYR C 38 11.21 -7.92 -0.44
N GLN C 39 10.82 -9.09 -0.90
CA GLN C 39 11.75 -10.20 -1.05
C GLN C 39 11.68 -10.72 -2.47
N GLN C 40 12.79 -11.32 -2.92
CA GLN C 40 12.72 -12.14 -4.12
C GLN C 40 13.76 -13.24 -4.05
N PHE C 41 13.36 -14.43 -4.48
CA PHE C 41 14.25 -15.57 -4.57
C PHE C 41 15.16 -15.42 -5.78
N PRO C 42 16.35 -16.01 -5.76
CA PRO C 42 17.31 -15.82 -6.86
C PRO C 42 16.69 -16.22 -8.19
N GLY C 43 16.75 -15.30 -9.15
CA GLY C 43 16.21 -15.56 -10.47
C GLY C 43 14.72 -15.80 -10.49
N THR C 44 13.97 -15.08 -9.66
CA THR C 44 12.53 -15.27 -9.58
C THR C 44 11.84 -13.90 -9.52
N VAL C 45 10.52 -13.94 -9.54
CA VAL C 45 9.73 -12.72 -9.45
C VAL C 45 9.91 -12.09 -8.07
N PRO C 46 10.04 -10.78 -7.96
CA PRO C 46 10.00 -10.15 -6.64
C PRO C 46 8.59 -10.13 -6.09
N LYS C 47 8.49 -10.40 -4.80
CA LYS C 47 7.21 -10.38 -4.12
C LYS C 47 7.27 -9.43 -2.94
N LEU C 48 6.18 -8.71 -2.74
CA LEU C 48 6.09 -7.81 -1.62
C LEU C 48 6.03 -8.60 -0.32
N LEU C 49 6.71 -8.11 0.71
CA LEU C 49 6.70 -8.76 2.00
C LEU C 49 5.98 -7.94 3.06
N ILE C 50 6.39 -6.70 3.28
CA ILE C 50 5.80 -5.88 4.32
C ILE C 50 5.74 -4.43 3.83
N TYR C 51 4.58 -3.99 3.38
CA TYR C 51 4.49 -2.68 2.76
C TYR C 51 4.23 -1.60 3.81
N GLY C 52 3.20 -1.77 4.62
CA GLY C 52 3.08 -0.94 5.81
C GLY C 52 4.29 -1.19 6.68
N ASN C 53 4.80 -0.10 7.26
CA ASN C 53 6.02 -0.21 8.05
C ASN C 53 5.97 -1.40 8.99
N SER C 54 4.78 -1.80 9.42
CA SER C 54 4.63 -3.05 10.17
C SER C 54 3.32 -3.76 9.84
N ASN C 55 2.95 -3.88 8.57
CA ASN C 55 1.75 -4.65 8.26
C ASN C 55 2.06 -5.77 7.29
N ARG C 56 1.27 -6.84 7.37
CA ARG C 56 1.54 -8.03 6.58
C ARG C 56 0.41 -8.22 5.58
N PRO C 57 0.70 -8.29 4.29
CA PRO C 57 -0.31 -8.71 3.32
C PRO C 57 -0.50 -10.21 3.42
N SER C 58 -1.55 -10.70 2.77
CA SER C 58 -1.87 -12.11 2.86
C SER C 58 -0.73 -12.96 2.30
N GLY C 59 -0.66 -14.19 2.75
CA GLY C 59 0.45 -15.04 2.39
C GLY C 59 1.74 -14.70 3.09
N VAL C 60 1.76 -13.63 3.88
CA VAL C 60 2.92 -13.30 4.69
C VAL C 60 2.53 -13.74 6.10
N PRO C 61 2.72 -15.00 6.42
CA PRO C 61 2.00 -15.59 7.57
C PRO C 61 2.29 -14.86 8.86
N ASP C 62 3.54 -14.89 9.26
CA ASP C 62 4.00 -14.23 10.46
C ASP C 62 5.51 -14.37 10.47
N ARG C 63 6.13 -13.92 11.56
CA ARG C 63 7.56 -13.89 11.79
C ARG C 63 8.16 -12.67 11.12
N PHE C 64 7.36 -11.90 10.39
CA PHE C 64 7.82 -10.70 9.70
C PHE C 64 7.14 -9.53 10.38
N SER C 65 7.94 -8.62 10.93
CA SER C 65 7.39 -7.49 11.67
C SER C 65 8.34 -6.30 11.51
N GLY C 66 7.87 -5.25 10.86
CA GLY C 66 8.67 -4.10 10.57
C GLY C 66 8.75 -3.15 11.75
N SER C 67 9.12 -1.91 11.46
CA SER C 67 9.28 -0.91 12.50
C SER C 67 9.42 0.46 11.86
N LYS C 68 9.72 1.43 12.71
CA LYS C 68 10.01 2.79 12.29
C LYS C 68 10.80 3.46 13.40
N SER C 69 11.68 4.37 13.01
CA SER C 69 12.41 5.21 13.93
C SER C 69 12.38 6.62 13.38
N GLY C 70 13.23 7.48 13.92
CA GLY C 70 13.40 8.79 13.32
C GLY C 70 13.94 8.70 11.90
N THR C 71 14.97 7.90 11.69
CA THR C 71 15.61 7.84 10.38
C THR C 71 16.05 6.43 10.03
N SER C 72 15.73 5.43 10.83
CA SER C 72 16.10 4.07 10.54
C SER C 72 14.86 3.19 10.55
N ALA C 73 14.90 2.13 9.76
CA ALA C 73 13.81 1.17 9.69
C ALA C 73 14.39 -0.22 9.89
N SER C 74 13.54 -1.14 10.34
CA SER C 74 14.02 -2.47 10.67
C SER C 74 12.90 -3.48 10.52
N LEU C 75 13.24 -4.63 9.96
CA LEU C 75 12.37 -5.81 10.01
C LEU C 75 12.98 -6.86 10.89
N ALA C 76 12.15 -7.47 11.73
CA ALA C 76 12.52 -8.66 12.47
C ALA C 76 11.94 -9.85 11.75
N ILE C 77 12.81 -10.80 11.40
CA ILE C 77 12.35 -12.14 11.04
C ILE C 77 12.34 -12.93 12.34
N THR C 78 11.21 -12.85 13.03
CA THR C 78 11.11 -13.47 14.36
C THR C 78 10.90 -14.95 14.11
N GLY C 79 11.99 -15.65 13.85
CA GLY C 79 11.88 -17.01 13.38
C GLY C 79 12.18 -17.09 11.90
N LEU C 80 13.31 -17.68 11.54
CA LEU C 80 13.68 -17.81 10.14
C LEU C 80 13.78 -19.27 9.76
N GLN C 81 13.46 -19.56 8.51
CA GLN C 81 13.63 -20.90 7.99
C GLN C 81 13.96 -20.78 6.50
N ALA C 82 14.65 -21.80 5.98
CA ALA C 82 15.20 -21.77 4.63
C ALA C 82 14.22 -21.24 3.59
N GLU C 83 12.92 -21.39 3.81
CA GLU C 83 11.96 -20.78 2.90
C GLU C 83 12.12 -19.28 2.85
N ASP C 84 12.74 -18.68 3.86
CA ASP C 84 12.96 -17.25 3.91
C ASP C 84 14.24 -16.82 3.21
N GLU C 85 15.05 -17.78 2.77
CA GLU C 85 16.34 -17.46 2.15
C GLU C 85 16.10 -16.82 0.79
N ALA C 86 16.44 -15.55 0.67
CA ALA C 86 16.20 -14.75 -0.52
C ALA C 86 17.03 -13.49 -0.38
N ASP C 87 16.80 -12.53 -1.26
CA ASP C 87 17.32 -11.19 -1.00
C ASP C 87 16.17 -10.23 -0.78
N TYR C 88 16.38 -9.28 0.13
CA TYR C 88 15.32 -8.43 0.65
C TYR C 88 15.71 -6.98 0.44
N TYR C 89 14.77 -6.19 -0.05
CA TYR C 89 15.02 -4.84 -0.51
C TYR C 89 14.17 -3.88 0.31
N CYS C 90 14.80 -2.84 0.86
CA CYS C 90 14.05 -1.82 1.55
C CYS C 90 13.78 -0.64 0.62
N GLN C 91 12.52 -0.46 0.26
CA GLN C 91 12.12 0.62 -0.69
C GLN C 91 11.35 1.72 0.04
N SER C 92 11.72 2.97 -0.22
CA SER C 92 11.07 4.14 0.35
C SER C 92 11.13 5.25 -0.69
N TYR C 93 10.18 6.16 -0.61
CA TYR C 93 10.20 7.30 -1.51
C TYR C 93 11.37 8.19 -1.17
N ASP C 94 11.69 9.09 -2.10
CA ASP C 94 12.70 10.10 -1.88
C ASP C 94 12.16 11.45 -2.31
N SER C 95 12.48 12.47 -1.53
CA SER C 95 12.08 13.84 -1.81
C SER C 95 13.28 14.66 -2.24
N SER C 96 14.13 14.06 -3.06
CA SER C 96 15.37 14.70 -3.47
C SER C 96 15.46 14.74 -4.99
N LEU C 97 14.43 15.25 -5.64
CA LEU C 97 14.33 15.23 -7.10
C LEU C 97 14.27 13.79 -7.60
N SER C 98 13.50 12.95 -6.92
CA SER C 98 13.55 11.53 -7.19
C SER C 98 12.15 10.96 -7.03
N GLY C 99 12.04 9.66 -7.31
CA GLY C 99 10.84 8.92 -7.01
C GLY C 99 11.08 7.96 -5.86
N VAL C 100 10.85 6.67 -6.12
CA VAL C 100 11.03 5.61 -5.07
C VAL C 100 12.47 5.07 -5.16
N VAL C 101 13.12 4.90 -4.01
CA VAL C 101 14.52 4.38 -3.95
C VAL C 101 14.47 2.90 -3.55
N PHE C 102 15.45 2.11 -4.01
CA PHE C 102 15.51 0.67 -3.69
C PHE C 102 16.83 0.35 -2.98
N GLY C 103 16.77 -0.48 -1.93
CA GLY C 103 17.97 -0.87 -1.17
C GLY C 103 18.99 -1.58 -2.04
N GLY C 104 20.25 -1.66 -1.57
CA GLY C 104 21.32 -2.32 -2.33
C GLY C 104 21.08 -3.81 -2.47
N GLY C 105 20.46 -4.42 -1.46
CA GLY C 105 20.17 -5.87 -1.48
C GLY C 105 20.85 -6.60 -0.34
N THR C 106 20.06 -7.28 0.50
CA THR C 106 20.62 -8.03 1.67
C THR C 106 20.20 -9.51 1.56
N LYS C 107 21.15 -10.42 1.76
CA LYS C 107 20.87 -11.85 1.70
C LYS C 107 20.71 -12.42 3.11
N LEU C 108 19.58 -13.05 3.36
CA LEU C 108 19.47 -13.86 4.56
C LEU C 108 20.21 -15.15 4.35
N THR C 109 20.77 -15.68 5.43
CA THR C 109 21.61 -16.87 5.36
C THR C 109 21.35 -17.76 6.57
N VAL C 110 20.82 -18.94 6.32
CA VAL C 110 20.66 -19.93 7.36
C VAL C 110 22.00 -20.61 7.59
N LEU C 111 22.19 -21.14 8.80
CA LEU C 111 23.38 -21.92 9.08
C LEU C 111 23.36 -23.21 8.27
N GLY C 112 24.53 -23.60 7.77
CA GLY C 112 24.64 -24.79 6.94
C GLY C 112 24.31 -26.07 7.65
#